data_3KGA
#
_entry.id   3KGA
#
_cell.length_a   103.120
_cell.length_b   103.120
_cell.length_c   165.415
_cell.angle_alpha   90.00
_cell.angle_beta   90.00
_cell.angle_gamma   120.00
#
_symmetry.space_group_name_H-M   'P 63 2 2'
#
loop_
_entity.id
_entity.type
_entity.pdbx_description
1 polymer 'MAP kinase-activated protein kinase 2'
2 non-polymer 'MAGNESIUM ION'
3 non-polymer 6-{3-amino-1-[3-(1H-indol-6-yl)phenyl]-1H-pyrazol-4-yl}-3,4-dihydroisoquinolin-1(2H)-one
4 water water
#
_entity_poly.entity_id   1
_entity_poly.type   'polypeptide(L)'
_entity_poly.pdbx_seq_one_letter_code
;GPHVKSGLQIKKNAIIDDYKVTSQVLGLGINGKVLQIFNKRTQEKFALKMLQDCPKARREVELHWRASQCPHIVRIVDVY
ENLYAGRKCLLIVMECLDGGELFSRIQDRGDQAFTEREASEIMKSIGEAIQYLHSINIAHRDVKPENLLYTSKRPNAILK
LTDFGFAKETTGEKYDKSCDMWSLGVIMYILLCGYPPFYSNHGLAISPGMKTRIRMGQYEFPNPEWSEVSEEVKMLIRNL
LKTEPTQRMTITEFMNHPWIMQSTKVPQTPLHTSRVLKEDKERWEDVKEEMTSALATMR
;
_entity_poly.pdbx_strand_id   A
#
loop_
_chem_comp.id
_chem_comp.type
_chem_comp.name
_chem_comp.formula
LX9 non-polymer 6-{3-amino-1-[3-(1H-indol-6-yl)phenyl]-1H-pyrazol-4-yl}-3,4-dihydroisoquinolin-1(2H)-one 'C26 H21 N5 O'
MG non-polymer 'MAGNESIUM ION' 'Mg 2'
#
# COMPACT_ATOMS: atom_id res chain seq x y z
N HIS A 3 15.38 -19.51 -11.28
CA HIS A 3 15.06 -18.30 -10.42
C HIS A 3 15.38 -18.52 -8.92
N VAL A 4 16.65 -18.41 -8.55
CA VAL A 4 17.09 -18.76 -7.20
C VAL A 4 17.55 -17.57 -6.37
N LYS A 5 16.87 -17.30 -5.25
CA LYS A 5 17.24 -16.18 -4.38
C LYS A 5 17.89 -16.63 -3.06
N SER A 6 18.64 -15.74 -2.45
CA SER A 6 19.30 -16.09 -1.21
C SER A 6 18.33 -15.99 -0.04
N GLY A 7 18.55 -16.82 0.98
CA GLY A 7 17.70 -16.79 2.16
C GLY A 7 18.13 -15.68 3.09
N LEU A 8 17.30 -15.41 4.08
CA LEU A 8 17.49 -14.34 5.04
C LEU A 8 18.51 -14.75 6.09
N GLN A 9 19.46 -13.87 6.33
CA GLN A 9 20.55 -14.15 7.21
C GLN A 9 20.51 -13.06 8.27
N ILE A 10 19.90 -13.40 9.39
CA ILE A 10 19.73 -12.45 10.48
C ILE A 10 21.04 -12.19 11.22
N LYS A 11 21.44 -10.93 11.35
CA LYS A 11 22.64 -10.55 12.09
C LYS A 11 22.42 -10.50 13.61
N LYS A 12 23.41 -10.93 14.39
CA LYS A 12 23.29 -10.93 15.86
C LYS A 12 24.09 -9.81 16.54
N ASN A 13 25.07 -9.24 15.85
CA ASN A 13 25.80 -8.13 16.50
C ASN A 13 24.87 -6.95 16.83
N ALA A 14 25.27 -6.11 17.77
CA ALA A 14 24.43 -4.98 18.15
C ALA A 14 24.31 -4.07 16.93
N ILE A 15 23.11 -3.59 16.66
CA ILE A 15 22.90 -2.75 15.49
C ILE A 15 23.61 -1.41 15.68
N ILE A 16 23.67 -0.93 16.92
CA ILE A 16 24.44 0.29 17.24
C ILE A 16 25.95 0.21 16.92
N ASP A 17 26.49 -0.96 16.60
CA ASP A 17 27.82 -1.06 16.02
C ASP A 17 27.78 -0.51 14.60
N ASP A 18 26.63 -0.56 13.94
CA ASP A 18 26.56 -0.30 12.49
C ASP A 18 25.79 0.97 12.13
N TYR A 19 24.97 1.47 13.04
CA TYR A 19 24.04 2.56 12.76
C TYR A 19 23.93 3.46 13.95
N LYS A 20 23.64 4.74 13.71
CA LYS A 20 23.30 5.62 14.79
C LYS A 20 21.79 5.58 14.94
N VAL A 21 21.30 5.25 16.12
CA VAL A 21 19.87 5.12 16.30
C VAL A 21 19.30 6.29 17.10
N THR A 22 18.37 7.00 16.49
CA THR A 22 17.74 8.16 17.14
C THR A 22 16.47 7.74 17.89
N SER A 23 15.78 8.70 18.49
CA SER A 23 14.53 8.41 19.23
C SER A 23 13.29 8.98 18.53
N GLN A 24 13.46 9.47 17.30
CA GLN A 24 12.35 10.07 16.56
C GLN A 24 11.52 9.03 15.79
N VAL A 25 10.24 8.90 16.15
CA VAL A 25 9.38 7.81 15.66
C VAL A 25 8.60 8.11 14.37
N LEU A 26 9.16 7.67 13.25
CA LEU A 26 8.58 7.87 11.92
C LEU A 26 7.31 7.08 11.64
N GLY A 27 6.67 6.56 12.69
CA GLY A 27 5.47 5.77 12.52
C GLY A 27 5.14 4.88 13.71
N LEU A 28 3.84 4.62 13.88
CA LEU A 28 3.33 3.63 14.85
C LEU A 28 2.65 2.49 14.08
N GLY A 29 3.41 1.87 13.16
CA GLY A 29 2.93 0.83 12.26
C GLY A 29 2.22 -0.38 12.87
N ILE A 30 1.83 -1.32 12.00
CA ILE A 30 0.91 -2.41 12.37
C ILE A 30 1.27 -3.16 13.67
N ASN A 31 2.56 -3.34 13.93
CA ASN A 31 2.94 -4.11 15.10
C ASN A 31 4.21 -3.66 15.82
N GLY A 32 4.94 -2.71 15.24
CA GLY A 32 6.10 -2.16 15.92
C GLY A 32 6.08 -0.65 15.95
N LYS A 33 7.24 -0.04 15.79
CA LYS A 33 7.31 1.39 15.57
C LYS A 33 8.46 1.59 14.59
N VAL A 34 8.41 2.67 13.82
CA VAL A 34 9.45 2.91 12.83
C VAL A 34 10.29 4.09 13.29
N LEU A 35 11.61 3.92 13.24
CA LEU A 35 12.55 4.92 13.75
C LEU A 35 13.49 5.40 12.66
N GLN A 36 14.05 6.59 12.89
CA GLN A 36 14.99 7.25 12.00
C GLN A 36 16.42 6.84 12.37
N ILE A 37 17.21 6.40 11.39
CA ILE A 37 18.58 5.97 11.67
C ILE A 37 19.55 6.30 10.54
N PHE A 38 20.84 6.22 10.84
CA PHE A 38 21.90 6.59 9.92
C PHE A 38 22.94 5.50 9.90
N ASN A 39 23.45 5.18 8.73
CA ASN A 39 24.56 4.25 8.68
C ASN A 39 25.80 4.94 9.21
N LYS A 40 26.41 4.39 10.27
CA LYS A 40 27.54 5.02 10.98
C LYS A 40 28.71 5.38 10.05
N ARG A 41 29.05 4.44 9.18
CA ARG A 41 30.18 4.66 8.33
C ARG A 41 29.86 5.43 7.03
N THR A 42 28.64 5.31 6.51
CA THR A 42 28.28 6.07 5.30
C THR A 42 27.38 7.30 5.51
N GLN A 43 26.82 7.48 6.71
CA GLN A 43 25.94 8.63 6.97
C GLN A 43 24.58 8.54 6.24
N GLU A 44 24.52 7.68 5.22
CA GLU A 44 23.29 7.36 4.50
C GLU A 44 22.10 7.08 5.44
N LYS A 45 20.94 7.60 5.08
CA LYS A 45 19.74 7.50 5.90
C LYS A 45 18.97 6.17 5.67
N PHE A 46 18.36 5.64 6.73
CA PHE A 46 17.54 4.44 6.62
C PHE A 46 16.42 4.51 7.62
N ALA A 47 15.51 3.54 7.55
CA ALA A 47 14.45 3.47 8.54
C ALA A 47 14.61 2.16 9.25
N LEU A 48 14.12 2.06 10.48
CA LEU A 48 14.26 0.84 11.26
C LEU A 48 12.91 0.43 11.79
N LYS A 49 12.47 -0.78 11.49
CA LYS A 49 11.23 -1.26 12.11
C LYS A 49 11.58 -2.20 13.27
N MET A 50 11.04 -1.93 14.46
CA MET A 50 11.27 -2.81 15.61
C MET A 50 10.06 -3.65 15.84
N LEU A 51 10.28 -4.96 15.93
CA LEU A 51 9.25 -5.91 16.27
C LEU A 51 9.77 -6.75 17.45
N GLN A 52 8.92 -6.98 18.43
CA GLN A 52 9.31 -7.89 19.46
C GLN A 52 9.35 -9.24 18.83
N ASP A 53 10.43 -9.97 19.05
CA ASP A 53 10.58 -11.27 18.43
C ASP A 53 9.41 -12.21 18.82
N CYS A 54 8.90 -12.95 17.85
CA CYS A 54 7.84 -13.91 18.07
C CYS A 54 7.44 -14.48 16.72
N PRO A 55 6.61 -15.54 16.72
CA PRO A 55 6.22 -16.24 15.50
C PRO A 55 5.63 -15.31 14.44
N LYS A 56 4.79 -14.38 14.85
CA LYS A 56 4.26 -13.45 13.90
C LYS A 56 5.36 -12.59 13.33
N ALA A 57 6.25 -12.12 14.19
CA ALA A 57 7.26 -11.18 13.72
C ALA A 57 8.19 -11.90 12.74
N ARG A 58 8.49 -13.16 13.03
CA ARG A 58 9.33 -13.95 12.12
C ARG A 58 8.67 -14.20 10.77
N ARG A 59 7.34 -14.28 10.74
CA ARG A 59 6.61 -14.49 9.50
C ARG A 59 6.63 -13.22 8.65
N GLU A 60 6.36 -12.07 9.28
CA GLU A 60 6.44 -10.76 8.60
C GLU A 60 7.81 -10.56 7.93
N VAL A 61 8.86 -10.77 8.71
CA VAL A 61 10.22 -10.60 8.22
C VAL A 61 10.56 -11.56 7.06
N GLU A 62 10.28 -12.85 7.22
CA GLU A 62 10.49 -13.81 6.14
C GLU A 62 9.75 -13.42 4.85
N LEU A 63 8.45 -13.15 4.95
CA LEU A 63 7.71 -12.90 3.73
C LEU A 63 8.13 -11.57 3.13
N HIS A 64 8.45 -10.61 3.98
CA HIS A 64 8.90 -9.35 3.49
C HIS A 64 10.22 -9.52 2.77
N TRP A 65 11.06 -10.42 3.27
CA TRP A 65 12.37 -10.68 2.67
C TRP A 65 12.23 -11.29 1.28
N ARG A 66 11.28 -12.21 1.10
CA ARG A 66 11.00 -12.76 -0.22
C ARG A 66 10.53 -11.69 -1.20
N ALA A 67 9.88 -10.66 -0.71
CA ALA A 67 9.25 -9.71 -1.61
C ALA A 67 10.16 -8.52 -1.82
N SER A 68 11.28 -8.50 -1.13
CA SER A 68 12.12 -7.30 -1.01
C SER A 68 12.60 -6.71 -2.34
N GLN A 69 13.03 -7.56 -3.27
CA GLN A 69 13.73 -7.08 -4.46
C GLN A 69 12.79 -6.48 -5.52
N CYS A 70 11.48 -6.57 -5.29
CA CYS A 70 10.48 -5.98 -6.17
C CYS A 70 10.61 -4.46 -6.14
N PRO A 71 10.76 -3.85 -7.33
CA PRO A 71 10.97 -2.39 -7.39
C PRO A 71 9.83 -1.58 -6.77
N HIS A 72 8.66 -2.18 -6.53
CA HIS A 72 7.59 -1.40 -5.85
C HIS A 72 7.26 -1.77 -4.39
N ILE A 73 8.14 -2.57 -3.79
CA ILE A 73 8.03 -2.91 -2.37
C ILE A 73 9.24 -2.35 -1.63
N VAL A 74 9.04 -1.85 -0.43
CA VAL A 74 10.14 -1.27 0.30
C VAL A 74 11.24 -2.31 0.56
N ARG A 75 12.49 -1.95 0.29
CA ARG A 75 13.62 -2.89 0.32
C ARG A 75 14.13 -3.13 1.72
N ILE A 76 14.41 -4.39 2.04
CA ILE A 76 15.07 -4.72 3.31
C ILE A 76 16.62 -4.70 3.17
N VAL A 77 17.30 -3.89 3.98
CA VAL A 77 18.76 -3.84 3.92
C VAL A 77 19.41 -4.93 4.76
N ASP A 78 18.92 -5.13 5.97
CA ASP A 78 19.41 -6.17 6.87
C ASP A 78 18.44 -6.31 8.02
N VAL A 79 18.48 -7.47 8.66
CA VAL A 79 17.67 -7.71 9.84
C VAL A 79 18.57 -8.13 11.00
N TYR A 80 18.41 -7.45 12.13
CA TYR A 80 19.14 -7.77 13.36
C TYR A 80 18.22 -8.42 14.41
N GLU A 81 18.77 -9.39 15.13
CA GLU A 81 18.16 -9.87 16.36
C GLU A 81 19.03 -9.35 17.53
N ASN A 82 18.43 -8.53 18.40
CA ASN A 82 19.19 -7.85 19.46
C ASN A 82 18.30 -7.81 20.70
N LEU A 83 18.87 -7.57 21.88
CA LEU A 83 18.03 -7.13 23.03
C LEU A 83 17.90 -5.59 23.03
N TYR A 84 16.68 -5.08 23.02
CA TYR A 84 16.46 -3.65 22.98
C TYR A 84 15.60 -3.27 24.18
N ALA A 85 16.15 -2.45 25.09
CA ALA A 85 15.37 -2.02 26.26
C ALA A 85 14.69 -3.19 26.94
N GLY A 86 15.44 -4.25 27.21
CA GLY A 86 14.94 -5.36 28.02
C GLY A 86 14.10 -6.39 27.33
N ARG A 87 13.85 -6.21 26.03
CA ARG A 87 13.03 -7.16 25.27
C ARG A 87 13.74 -7.65 24.00
N LYS A 88 13.54 -8.90 23.63
CA LYS A 88 14.17 -9.47 22.43
C LYS A 88 13.53 -8.95 21.11
N CYS A 89 14.35 -8.48 20.19
CA CYS A 89 13.78 -7.84 18.98
C CYS A 89 14.30 -8.24 17.62
N LEU A 90 13.41 -8.17 16.63
CA LEU A 90 13.82 -8.17 15.24
C LEU A 90 13.86 -6.73 14.83
N LEU A 91 15.03 -6.29 14.41
CA LEU A 91 15.26 -4.93 14.00
C LEU A 91 15.48 -4.95 12.51
N ILE A 92 14.58 -4.34 11.75
CA ILE A 92 14.65 -4.40 10.29
C ILE A 92 15.07 -3.07 9.65
N VAL A 93 16.23 -3.07 8.99
CA VAL A 93 16.71 -1.84 8.40
C VAL A 93 16.14 -1.79 7.01
N MET A 94 15.56 -0.65 6.66
CA MET A 94 14.86 -0.49 5.38
C MET A 94 15.29 0.75 4.63
N GLU A 95 15.19 0.69 3.32
CA GLU A 95 15.40 1.89 2.53
C GLU A 95 14.48 2.98 3.04
N CYS A 96 14.99 4.20 3.01
CA CYS A 96 14.31 5.34 3.57
C CYS A 96 13.26 5.89 2.63
N LEU A 97 12.06 6.14 3.14
CA LEU A 97 10.93 6.53 2.27
C LEU A 97 10.40 7.89 2.65
N ASP A 98 11.02 8.91 2.05
CA ASP A 98 10.87 10.31 2.39
C ASP A 98 9.67 11.01 1.85
N GLY A 99 9.14 10.47 0.78
CA GLY A 99 8.20 11.23 -0.05
C GLY A 99 6.82 11.51 0.51
N GLY A 100 6.53 11.07 1.73
CA GLY A 100 5.13 11.04 2.21
C GLY A 100 4.27 9.89 1.63
N GLU A 101 3.06 9.77 2.16
CA GLU A 101 2.09 8.78 1.73
C GLU A 101 1.44 9.13 0.40
N LEU A 102 1.03 8.12 -0.34
CA LEU A 102 0.37 8.32 -1.62
C LEU A 102 -0.60 9.51 -1.69
N PHE A 103 -1.59 9.58 -0.79
CA PHE A 103 -2.67 10.57 -0.93
C PHE A 103 -2.35 11.93 -0.34
N SER A 104 -1.36 12.02 0.55
CA SER A 104 -0.91 13.35 1.00
C SER A 104 -0.33 14.09 -0.17
N ARG A 105 0.52 13.40 -0.92
CA ARG A 105 1.12 14.04 -2.08
C ARG A 105 0.00 14.63 -2.97
N ILE A 106 -0.97 13.81 -3.35
CA ILE A 106 -2.09 14.25 -4.19
C ILE A 106 -2.97 15.30 -3.54
N GLN A 107 -3.20 15.19 -2.25
CA GLN A 107 -3.99 16.20 -1.57
C GLN A 107 -3.33 17.58 -1.65
N ASP A 108 -2.00 17.57 -1.78
CA ASP A 108 -1.20 18.78 -1.70
C ASP A 108 -0.86 19.39 -3.05
N ARG A 109 -1.37 18.79 -4.13
CA ARG A 109 -1.06 19.33 -5.43
C ARG A 109 -1.58 20.74 -5.58
N GLY A 110 -0.63 21.66 -5.79
CA GLY A 110 -0.91 23.09 -5.86
C GLY A 110 -2.03 23.40 -6.83
N ASP A 111 -1.97 22.78 -8.01
CA ASP A 111 -2.90 23.11 -9.09
C ASP A 111 -4.31 22.53 -8.90
N GLN A 112 -4.44 21.45 -8.11
CA GLN A 112 -5.57 20.52 -8.30
C GLN A 112 -5.56 20.06 -9.78
N ALA A 113 -4.41 19.52 -10.21
CA ALA A 113 -4.19 19.07 -11.59
C ALA A 113 -3.74 17.59 -11.63
N PHE A 114 -4.61 16.73 -11.12
CA PHE A 114 -4.42 15.29 -11.15
C PHE A 114 -5.27 14.73 -12.30
N THR A 115 -4.68 13.99 -13.21
CA THR A 115 -5.44 13.42 -14.35
C THR A 115 -5.63 11.90 -14.30
N GLU A 116 -6.66 11.44 -14.99
CA GLU A 116 -6.95 10.02 -15.10
C GLU A 116 -5.71 9.21 -15.48
N ARG A 117 -4.83 9.81 -16.28
CA ARG A 117 -3.64 9.08 -16.70
C ARG A 117 -2.67 8.89 -15.53
N GLU A 118 -2.54 9.92 -14.71
CA GLU A 118 -1.73 9.75 -13.53
C GLU A 118 -2.26 8.68 -12.63
N ALA A 119 -3.59 8.59 -12.52
CA ALA A 119 -4.20 7.61 -11.65
C ALA A 119 -3.87 6.22 -12.15
N SER A 120 -3.94 6.07 -13.48
CA SER A 120 -3.62 4.83 -14.13
C SER A 120 -2.19 4.42 -13.82
N GLU A 121 -1.26 5.38 -13.80
CA GLU A 121 0.14 5.04 -13.69
C GLU A 121 0.43 4.59 -12.30
N ILE A 122 -0.12 5.32 -11.34
CA ILE A 122 -0.04 4.90 -9.98
C ILE A 122 -0.64 3.49 -9.83
N MET A 123 -1.78 3.24 -10.49
CA MET A 123 -2.40 1.95 -10.22
C MET A 123 -1.52 0.83 -10.76
N LYS A 124 -0.87 1.09 -11.89
CA LYS A 124 0.05 0.13 -12.46
C LYS A 124 1.18 -0.21 -11.47
N SER A 125 1.70 0.79 -10.77
CA SER A 125 2.76 0.59 -9.78
C SER A 125 2.30 -0.31 -8.66
N ILE A 126 1.08 -0.09 -8.15
CA ILE A 126 0.60 -0.89 -7.04
C ILE A 126 0.30 -2.31 -7.52
N GLY A 127 -0.26 -2.41 -8.74
CA GLY A 127 -0.57 -3.70 -9.31
C GLY A 127 0.66 -4.55 -9.56
N GLU A 128 1.79 -3.92 -9.85
CA GLU A 128 3.03 -4.69 -10.01
C GLU A 128 3.50 -5.32 -8.70
N ALA A 129 3.36 -4.57 -7.59
CA ALA A 129 3.70 -5.12 -6.28
C ALA A 129 2.79 -6.33 -5.96
N ILE A 130 1.47 -6.14 -6.08
CA ILE A 130 0.53 -7.24 -5.86
C ILE A 130 0.88 -8.43 -6.74
N GLN A 131 1.29 -8.18 -7.98
CA GLN A 131 1.56 -9.27 -8.91
C GLN A 131 2.81 -10.06 -8.52
N TYR A 132 3.86 -9.34 -8.16
CA TYR A 132 5.05 -9.96 -7.62
C TYR A 132 4.62 -10.91 -6.49
N LEU A 133 3.91 -10.40 -5.47
CA LEU A 133 3.47 -11.22 -4.37
C LEU A 133 2.61 -12.42 -4.79
N HIS A 134 1.55 -12.15 -5.55
CA HIS A 134 0.59 -13.22 -5.83
C HIS A 134 1.25 -14.35 -6.62
N SER A 135 2.21 -14.00 -7.46
CA SER A 135 3.00 -14.99 -8.21
C SER A 135 3.83 -15.92 -7.33
N ILE A 136 4.24 -15.44 -6.17
CA ILE A 136 4.99 -16.30 -5.30
C ILE A 136 4.12 -16.72 -4.13
N ASN A 137 2.81 -16.65 -4.37
CA ASN A 137 1.81 -17.06 -3.38
C ASN A 137 1.90 -16.41 -2.02
N ILE A 138 1.93 -15.08 -2.04
CA ILE A 138 1.82 -14.31 -0.83
C ILE A 138 0.68 -13.33 -1.04
N ALA A 139 -0.16 -13.19 -0.03
CA ALA A 139 -1.19 -12.16 -0.04
C ALA A 139 -0.72 -11.11 0.93
N HIS A 140 -0.77 -9.85 0.54
CA HIS A 140 -0.29 -8.83 1.45
C HIS A 140 -1.30 -8.65 2.58
N ARG A 141 -2.57 -8.38 2.21
CA ARG A 141 -3.70 -8.32 3.13
C ARG A 141 -3.71 -7.05 4.01
N ASP A 142 -2.88 -6.07 3.63
CA ASP A 142 -2.98 -4.80 4.33
C ASP A 142 -2.69 -3.65 3.36
N VAL A 143 -3.08 -3.82 2.08
CA VAL A 143 -2.88 -2.77 1.12
C VAL A 143 -3.86 -1.62 1.39
N LYS A 144 -3.32 -0.45 1.71
CA LYS A 144 -4.13 0.68 2.10
C LYS A 144 -3.25 1.93 2.12
N PRO A 145 -3.89 3.12 2.15
CA PRO A 145 -3.20 4.43 2.07
C PRO A 145 -1.95 4.58 2.93
N GLU A 146 -2.03 4.29 4.23
CA GLU A 146 -0.86 4.58 5.06
C GLU A 146 0.31 3.62 4.75
N ASN A 147 0.04 2.56 4.01
CA ASN A 147 1.10 1.64 3.66
C ASN A 147 1.73 1.89 2.28
N LEU A 148 1.29 2.96 1.60
CA LEU A 148 1.86 3.32 0.28
C LEU A 148 2.62 4.63 0.35
N LEU A 149 3.95 4.56 0.22
CA LEU A 149 4.83 5.72 0.47
C LEU A 149 5.80 5.94 -0.68
N TYR A 150 6.23 7.19 -0.86
CA TYR A 150 7.14 7.53 -1.97
C TYR A 150 8.56 7.61 -1.48
N THR A 151 9.51 7.26 -2.37
CA THR A 151 10.93 7.21 -1.98
C THR A 151 11.49 8.55 -1.53
N SER A 152 11.20 9.62 -2.29
CA SER A 152 11.59 11.00 -1.95
C SER A 152 10.55 12.01 -2.43
N LYS A 153 10.80 13.30 -2.20
CA LYS A 153 9.85 14.36 -2.59
C LYS A 153 9.89 14.75 -4.09
N ARG A 154 10.94 14.33 -4.80
CA ARG A 154 10.97 14.50 -6.25
C ARG A 154 9.66 13.99 -6.90
N PRO A 155 8.97 14.85 -7.67
CA PRO A 155 7.90 14.35 -8.56
C PRO A 155 8.25 13.07 -9.37
N ASN A 156 9.54 12.72 -9.45
CA ASN A 156 9.97 11.47 -10.12
C ASN A 156 10.23 10.31 -9.11
N ALA A 157 9.58 10.38 -7.95
CA ALA A 157 9.81 9.41 -6.87
C ALA A 157 9.04 8.13 -7.12
N ILE A 158 9.56 7.01 -6.63
CA ILE A 158 8.94 5.74 -6.84
C ILE A 158 8.00 5.42 -5.70
N LEU A 159 6.86 4.83 -6.03
CA LEU A 159 5.90 4.43 -5.01
C LEU A 159 6.27 3.05 -4.44
N LYS A 160 6.20 2.88 -3.14
CA LYS A 160 6.58 1.59 -2.59
C LYS A 160 5.52 1.06 -1.63
N LEU A 161 5.18 -0.22 -1.77
CA LEU A 161 4.31 -0.87 -0.78
C LEU A 161 5.12 -1.29 0.45
N THR A 162 4.57 -1.06 1.65
CA THR A 162 5.20 -1.44 2.91
C THR A 162 4.31 -2.32 3.81
N ASP A 163 4.87 -2.79 4.92
CA ASP A 163 4.16 -3.50 6.02
C ASP A 163 3.60 -4.92 5.78
N PHE A 164 4.39 -5.93 6.10
CA PHE A 164 3.97 -7.31 5.88
C PHE A 164 3.37 -7.96 7.12
N GLY A 165 2.92 -7.12 8.04
CA GLY A 165 2.36 -7.58 9.28
C GLY A 165 1.13 -8.43 9.16
N PHE A 166 0.42 -8.41 8.03
CA PHE A 166 -0.71 -9.33 7.88
C PHE A 166 -0.50 -10.30 6.75
N ALA A 167 0.66 -10.24 6.11
CA ALA A 167 0.91 -11.08 4.92
C ALA A 167 0.84 -12.58 5.25
N LYS A 168 0.41 -13.40 4.31
CA LYS A 168 0.51 -14.85 4.49
C LYS A 168 0.77 -15.67 3.22
N GLU A 169 1.26 -16.90 3.39
CA GLU A 169 1.44 -17.82 2.26
C GLU A 169 0.09 -18.39 1.84
N THR A 170 -0.12 -18.63 0.55
CA THR A 170 -1.49 -18.88 0.13
C THR A 170 -1.86 -20.21 -0.55
N THR A 171 -0.95 -21.17 -0.45
N THR A 171 -1.12 -21.30 -0.36
CA THR A 171 -1.12 -22.48 -1.09
CA THR A 171 -1.70 -22.61 -0.76
C THR A 171 -2.32 -23.24 -0.50
C THR A 171 -2.94 -22.53 -1.70
N GLY A 172 -3.16 -23.75 -1.40
N GLY A 172 -2.72 -22.33 -3.00
CA GLY A 172 -4.41 -24.38 -1.03
CA GLY A 172 -3.79 -21.92 -3.94
C GLY A 172 -5.53 -23.38 -0.81
C GLY A 172 -5.16 -22.62 -4.08
N GLU A 173 -5.13 -22.14 -0.51
N GLU A 173 -6.07 -22.42 -3.13
CA GLU A 173 -6.04 -21.06 -0.16
CA GLU A 173 -7.47 -22.82 -3.34
C GLU A 173 -5.96 -19.86 -1.14
C GLU A 173 -8.52 -22.15 -2.45
N LYS A 174 -6.27 -20.13 -2.40
N LYS A 174 -8.13 -21.12 -1.68
CA LYS A 174 -6.25 -19.12 -3.47
CA LYS A 174 -9.03 -20.53 -0.66
C LYS A 174 -6.91 -17.83 -3.05
C LYS A 174 -9.16 -19.00 -0.67
N TYR A 175 -8.13 -17.93 -2.52
N TYR A 175 -8.85 -18.39 -1.81
CA TYR A 175 -8.98 -16.76 -2.31
CA TYR A 175 -9.14 -16.98 -2.08
C TYR A 175 -8.41 -15.76 -1.31
C TYR A 175 -8.56 -15.92 -1.14
N ASP A 176 -7.40 -16.17 -0.56
CA ASP A 176 -6.73 -15.20 0.32
C ASP A 176 -6.25 -13.98 -0.45
N LYS A 177 -6.06 -14.13 -1.75
CA LYS A 177 -5.56 -13.05 -2.54
C LYS A 177 -6.62 -12.01 -2.91
N SER A 178 -7.90 -12.37 -2.84
CA SER A 178 -8.97 -11.46 -3.26
C SER A 178 -8.95 -10.15 -2.46
N CYS A 179 -8.64 -10.30 -1.20
CA CYS A 179 -8.43 -9.19 -0.30
C CYS A 179 -7.62 -8.07 -0.97
N ASP A 180 -6.48 -8.43 -1.54
CA ASP A 180 -5.60 -7.45 -2.13
C ASP A 180 -6.26 -6.79 -3.34
N MET A 181 -7.06 -7.54 -4.07
CA MET A 181 -7.70 -7.00 -5.24
C MET A 181 -8.73 -5.95 -4.85
N TRP A 182 -9.52 -6.26 -3.82
CA TRP A 182 -10.51 -5.33 -3.31
C TRP A 182 -9.84 -4.02 -2.92
N SER A 183 -8.60 -4.09 -2.43
CA SER A 183 -7.89 -2.89 -2.00
C SER A 183 -7.53 -2.04 -3.20
N LEU A 184 -6.98 -2.67 -4.22
CA LEU A 184 -6.74 -2.02 -5.50
C LEU A 184 -8.01 -1.28 -5.95
N GLY A 185 -9.17 -1.92 -5.83
CA GLY A 185 -10.40 -1.30 -6.29
C GLY A 185 -10.68 -0.05 -5.48
N VAL A 186 -10.55 -0.14 -4.15
CA VAL A 186 -10.82 1.00 -3.28
C VAL A 186 -9.87 2.15 -3.57
N ILE A 187 -8.60 1.81 -3.75
CA ILE A 187 -7.61 2.84 -3.96
C ILE A 187 -7.88 3.45 -5.32
N MET A 188 -8.11 2.61 -6.33
CA MET A 188 -8.43 3.14 -7.64
C MET A 188 -9.59 4.12 -7.52
N TYR A 189 -10.68 3.67 -6.90
CA TYR A 189 -11.86 4.53 -6.75
C TYR A 189 -11.52 5.85 -6.08
N ILE A 190 -10.78 5.83 -4.94
CA ILE A 190 -10.38 7.08 -4.32
C ILE A 190 -9.50 7.95 -5.23
N LEU A 191 -8.57 7.34 -5.94
CA LEU A 191 -7.73 8.08 -6.90
C LEU A 191 -8.56 8.81 -7.95
N LEU A 192 -9.73 8.28 -8.28
CA LEU A 192 -10.49 8.88 -9.35
C LEU A 192 -11.42 9.97 -8.88
N CYS A 193 -11.75 10.03 -7.59
CA CYS A 193 -12.74 11.02 -7.18
C CYS A 193 -12.44 11.74 -5.89
N GLY A 194 -11.56 11.18 -5.04
CA GLY A 194 -11.26 11.80 -3.77
C GLY A 194 -12.04 11.31 -2.55
N TYR A 195 -12.87 10.29 -2.73
CA TYR A 195 -13.54 9.66 -1.57
C TYR A 195 -13.74 8.16 -1.80
N PRO A 196 -13.84 7.40 -0.71
CA PRO A 196 -13.99 5.93 -0.86
C PRO A 196 -15.39 5.51 -1.31
N PRO A 197 -15.52 4.30 -1.88
CA PRO A 197 -16.86 3.87 -2.21
C PRO A 197 -17.53 3.24 -0.99
N PHE A 198 -17.67 4.00 0.09
CA PHE A 198 -18.17 3.47 1.37
C PHE A 198 -19.48 4.10 1.75
N TYR A 199 -20.21 3.51 2.69
CA TYR A 199 -21.41 4.12 3.22
C TYR A 199 -21.25 4.82 4.62
N SER A 200 -22.33 5.38 5.18
CA SER A 200 -22.38 5.82 6.63
C SER A 200 -23.75 5.70 7.32
N PRO A 208 -21.12 15.86 8.72
CA PRO A 208 -21.64 16.80 9.74
C PRO A 208 -20.95 18.17 9.67
N GLY A 209 -21.46 19.04 8.78
CA GLY A 209 -20.77 20.28 8.39
C GLY A 209 -20.08 20.14 7.01
N MET A 210 -20.12 18.92 6.45
CA MET A 210 -19.41 18.57 5.20
C MET A 210 -20.35 17.96 4.18
N LYS A 211 -19.92 17.88 2.93
CA LYS A 211 -20.72 17.24 1.88
C LYS A 211 -20.84 15.74 2.07
N THR A 212 -22.00 15.18 1.77
CA THR A 212 -22.09 13.74 1.69
C THR A 212 -21.76 13.36 0.24
N ARG A 213 -20.69 12.59 0.07
CA ARG A 213 -20.25 12.15 -1.26
C ARG A 213 -21.13 11.02 -1.85
N ILE A 214 -21.55 10.07 -1.02
CA ILE A 214 -22.32 8.92 -1.45
C ILE A 214 -23.45 8.69 -0.49
N ARG A 215 -24.69 8.79 -0.96
CA ARG A 215 -25.84 8.53 -0.11
C ARG A 215 -25.91 7.03 0.16
N MET A 216 -26.53 6.66 1.27
CA MET A 216 -26.62 5.25 1.65
C MET A 216 -27.43 4.48 0.60
N GLY A 217 -26.79 3.52 -0.07
CA GLY A 217 -27.48 2.62 -0.98
C GLY A 217 -27.59 3.07 -2.42
N GLN A 218 -26.95 4.20 -2.76
CA GLN A 218 -27.14 4.75 -4.10
C GLN A 218 -26.13 4.20 -5.08
N TYR A 219 -26.45 4.34 -6.37
CA TYR A 219 -25.52 4.08 -7.45
C TYR A 219 -24.13 4.54 -7.04
N GLU A 220 -23.12 3.74 -7.34
CA GLU A 220 -21.77 3.94 -6.77
C GLU A 220 -20.93 5.03 -7.45
N PHE A 221 -21.39 5.61 -8.54
CA PHE A 221 -20.56 6.58 -9.25
C PHE A 221 -21.30 7.90 -9.45
N PRO A 222 -21.31 8.74 -8.42
CA PRO A 222 -22.07 9.99 -8.46
C PRO A 222 -21.61 10.99 -9.52
N ASN A 223 -22.58 11.55 -10.23
CA ASN A 223 -22.34 12.40 -11.41
C ASN A 223 -21.35 13.53 -11.23
N PRO A 224 -21.46 14.28 -10.11
CA PRO A 224 -20.58 15.44 -10.03
C PRO A 224 -19.13 15.01 -10.35
N GLU A 225 -18.62 14.00 -9.65
CA GLU A 225 -17.23 13.64 -9.82
C GLU A 225 -17.01 12.56 -10.91
N TRP A 226 -18.01 11.74 -11.17
CA TRP A 226 -17.82 10.65 -12.13
C TRP A 226 -18.26 10.89 -13.57
N SER A 227 -18.89 12.02 -13.84
CA SER A 227 -19.58 12.17 -15.10
C SER A 227 -18.66 12.08 -16.30
N GLU A 228 -17.39 12.39 -16.14
CA GLU A 228 -16.51 12.31 -17.31
C GLU A 228 -15.64 11.06 -17.34
N VAL A 229 -15.93 10.11 -16.45
CA VAL A 229 -15.16 8.87 -16.45
C VAL A 229 -15.89 7.83 -17.28
N SER A 230 -15.16 7.07 -18.07
CA SER A 230 -15.82 6.22 -19.05
C SER A 230 -16.38 4.97 -18.41
N GLU A 231 -17.33 4.36 -19.09
CA GLU A 231 -17.93 3.12 -18.63
C GLU A 231 -16.88 2.04 -18.45
N GLU A 232 -15.87 2.05 -19.33
CA GLU A 232 -14.83 1.07 -19.31
C GLU A 232 -14.12 1.07 -17.96
N VAL A 233 -13.72 2.26 -17.48
CA VAL A 233 -13.05 2.40 -16.21
C VAL A 233 -13.95 1.96 -15.04
N LYS A 234 -15.24 2.20 -15.16
CA LYS A 234 -16.20 1.82 -14.13
C LYS A 234 -16.38 0.33 -14.04
N MET A 235 -16.32 -0.33 -15.19
CA MET A 235 -16.47 -1.77 -15.22
C MET A 235 -15.26 -2.38 -14.53
N LEU A 236 -14.11 -1.79 -14.78
CA LEU A 236 -12.92 -2.29 -14.19
C LEU A 236 -13.06 -2.22 -12.67
N ILE A 237 -13.50 -1.07 -12.16
CA ILE A 237 -13.76 -0.92 -10.73
C ILE A 237 -14.79 -1.91 -10.17
N ARG A 238 -15.92 -2.06 -10.84
CA ARG A 238 -16.92 -3.02 -10.39
C ARG A 238 -16.30 -4.44 -10.31
N ASN A 239 -15.39 -4.77 -11.23
CA ASN A 239 -14.78 -6.09 -11.19
C ASN A 239 -13.88 -6.27 -9.98
N LEU A 240 -13.19 -5.19 -9.58
CA LEU A 240 -12.25 -5.23 -8.46
C LEU A 240 -13.01 -5.21 -7.14
N LEU A 241 -14.22 -4.67 -7.15
CA LEU A 241 -14.98 -4.48 -5.90
C LEU A 241 -16.05 -5.56 -5.78
N LYS A 242 -16.03 -6.54 -6.66
CA LYS A 242 -17.10 -7.51 -6.66
C LYS A 242 -17.19 -8.16 -5.28
N THR A 243 -18.41 -8.28 -4.80
CA THR A 243 -18.71 -8.73 -3.47
C THR A 243 -18.19 -10.15 -3.22
N GLU A 244 -18.46 -11.06 -4.15
CA GLU A 244 -18.05 -12.46 -4.00
C GLU A 244 -16.57 -12.69 -4.42
N PRO A 245 -15.73 -13.12 -3.48
CA PRO A 245 -14.34 -13.38 -3.88
C PRO A 245 -14.20 -14.33 -5.05
N THR A 246 -15.18 -15.22 -5.24
CA THR A 246 -15.13 -16.13 -6.37
C THR A 246 -15.29 -15.46 -7.71
N GLN A 247 -15.74 -14.21 -7.73
CA GLN A 247 -16.01 -13.57 -9.01
C GLN A 247 -15.17 -12.33 -9.16
N ARG A 248 -14.39 -12.00 -8.15
CA ARG A 248 -13.66 -10.74 -8.17
C ARG A 248 -12.48 -10.84 -9.17
N MET A 249 -12.10 -9.71 -9.76
CA MET A 249 -11.03 -9.73 -10.73
C MET A 249 -9.71 -10.25 -10.09
N THR A 250 -8.93 -11.05 -10.84
CA THR A 250 -7.62 -11.49 -10.34
C THR A 250 -6.55 -10.52 -10.81
N ILE A 251 -5.37 -10.63 -10.20
CA ILE A 251 -4.27 -9.71 -10.50
C ILE A 251 -3.81 -9.90 -11.93
N THR A 252 -3.93 -11.09 -12.47
CA THR A 252 -3.57 -11.30 -13.86
C THR A 252 -4.53 -10.57 -14.80
N GLU A 253 -5.84 -10.66 -14.53
CA GLU A 253 -6.83 -9.94 -15.35
C GLU A 253 -6.63 -8.45 -15.24
N PHE A 254 -6.28 -8.00 -14.04
CA PHE A 254 -6.10 -6.58 -13.80
C PHE A 254 -4.92 -6.05 -14.56
N MET A 255 -3.81 -6.77 -14.48
CA MET A 255 -2.59 -6.28 -15.15
C MET A 255 -2.67 -6.45 -16.68
N ASN A 256 -3.58 -7.28 -17.16
CA ASN A 256 -3.82 -7.37 -18.59
C ASN A 256 -4.88 -6.41 -19.14
N HIS A 257 -5.45 -5.56 -18.30
CA HIS A 257 -6.46 -4.60 -18.75
C HIS A 257 -5.87 -3.44 -19.57
N PRO A 258 -6.47 -3.13 -20.71
CA PRO A 258 -5.90 -2.01 -21.51
C PRO A 258 -5.62 -0.74 -20.69
N TRP A 259 -6.45 -0.43 -19.68
CA TRP A 259 -6.26 0.80 -18.89
C TRP A 259 -4.98 0.77 -18.01
N ILE A 260 -4.54 -0.43 -17.65
CA ILE A 260 -3.32 -0.59 -16.87
C ILE A 260 -2.16 -0.86 -17.83
N MET A 261 -2.40 -1.75 -18.77
CA MET A 261 -1.38 -2.12 -19.72
C MET A 261 -0.86 -0.95 -20.57
N GLN A 262 -1.75 -0.11 -21.10
CA GLN A 262 -1.33 1.09 -21.80
C GLN A 262 -1.55 2.36 -21.02
N SER A 263 -1.10 2.35 -19.76
CA SER A 263 -1.39 3.46 -18.86
C SER A 263 -0.98 4.80 -19.41
N THR A 264 0.12 4.84 -20.16
CA THR A 264 0.62 6.12 -20.71
C THR A 264 -0.08 6.60 -21.98
N LYS A 265 -1.15 5.92 -22.39
CA LYS A 265 -1.99 6.35 -23.52
C LYS A 265 -3.46 6.48 -23.06
N VAL A 266 -3.64 6.56 -21.74
CA VAL A 266 -4.94 6.82 -21.13
C VAL A 266 -5.22 8.33 -21.27
N PRO A 267 -6.48 8.71 -21.43
CA PRO A 267 -6.75 10.14 -21.56
C PRO A 267 -6.29 10.91 -20.35
N GLN A 268 -5.78 12.12 -20.57
CA GLN A 268 -5.50 13.00 -19.45
C GLN A 268 -6.72 13.74 -18.87
N THR A 269 -7.86 13.05 -18.68
CA THR A 269 -9.05 13.69 -18.10
C THR A 269 -8.77 14.33 -16.72
N PRO A 270 -9.06 15.64 -16.54
CA PRO A 270 -8.87 16.28 -15.23
C PRO A 270 -9.83 15.72 -14.20
N LEU A 271 -9.37 15.59 -12.97
CA LEU A 271 -10.12 14.84 -11.97
C LEU A 271 -10.38 15.73 -10.79
N HIS A 272 -11.39 15.36 -9.99
CA HIS A 272 -11.75 16.17 -8.85
C HIS A 272 -10.90 15.86 -7.62
N THR A 273 -10.19 14.73 -7.69
CA THR A 273 -9.47 14.14 -6.56
C THR A 273 -8.77 15.12 -5.62
N SER A 274 -7.88 15.92 -6.16
CA SER A 274 -7.07 16.79 -5.35
C SER A 274 -7.90 17.80 -4.59
N ARG A 275 -8.94 18.29 -5.25
CA ARG A 275 -9.81 19.30 -4.69
C ARG A 275 -10.69 18.67 -3.63
N VAL A 276 -11.15 17.45 -3.89
CA VAL A 276 -11.97 16.74 -2.92
C VAL A 276 -11.18 16.32 -1.67
N LEU A 277 -9.96 15.84 -1.85
CA LEU A 277 -9.11 15.56 -0.71
C LEU A 277 -8.90 16.77 0.21
N LYS A 278 -8.78 17.98 -0.34
CA LYS A 278 -8.61 19.18 0.53
C LYS A 278 -9.87 19.48 1.27
N GLU A 279 -10.96 19.59 0.53
CA GLU A 279 -12.24 19.97 1.12
C GLU A 279 -12.62 18.98 2.20
N ASP A 280 -12.38 17.69 1.97
CA ASP A 280 -12.82 16.65 2.91
C ASP A 280 -11.72 16.20 3.90
N LYS A 281 -10.64 16.97 4.03
CA LYS A 281 -9.49 16.53 4.85
C LYS A 281 -9.85 16.19 6.29
N GLU A 282 -10.81 16.89 6.86
CA GLU A 282 -11.20 16.61 8.24
C GLU A 282 -11.82 15.22 8.39
N ARG A 283 -12.01 14.51 7.28
CA ARG A 283 -12.68 13.22 7.29
C ARG A 283 -11.70 12.06 6.95
N TRP A 284 -10.48 12.39 6.53
CA TRP A 284 -9.47 11.42 6.13
C TRP A 284 -9.26 10.28 7.15
N GLU A 285 -9.25 10.60 8.43
CA GLU A 285 -8.92 9.61 9.43
C GLU A 285 -10.02 8.60 9.50
N ASP A 286 -11.24 9.06 9.29
CA ASP A 286 -12.39 8.18 9.28
C ASP A 286 -12.34 7.27 8.06
N VAL A 287 -11.92 7.84 6.92
CA VAL A 287 -11.73 7.06 5.71
C VAL A 287 -10.72 5.95 5.95
N LYS A 288 -9.59 6.30 6.52
CA LYS A 288 -8.61 5.29 6.85
C LYS A 288 -9.15 4.26 7.83
N GLU A 289 -9.92 4.71 8.81
CA GLU A 289 -10.47 3.80 9.80
C GLU A 289 -11.53 2.85 9.20
N GLU A 290 -12.33 3.38 8.29
CA GLU A 290 -13.36 2.58 7.64
C GLU A 290 -12.65 1.49 6.86
N MET A 291 -11.57 1.87 6.17
CA MET A 291 -10.85 0.91 5.37
C MET A 291 -10.20 -0.18 6.23
N THR A 292 -9.60 0.24 7.34
CA THR A 292 -8.93 -0.69 8.23
C THR A 292 -9.91 -1.72 8.84
N SER A 293 -11.09 -1.26 9.24
CA SER A 293 -12.10 -2.16 9.78
C SER A 293 -12.60 -3.08 8.70
N ALA A 294 -12.87 -2.51 7.53
CA ALA A 294 -13.38 -3.29 6.43
C ALA A 294 -12.41 -4.42 6.17
N LEU A 295 -11.12 -4.09 6.05
CA LEU A 295 -10.10 -5.10 5.78
C LEU A 295 -10.10 -6.19 6.83
N ALA A 296 -10.29 -5.80 8.09
CA ALA A 296 -10.28 -6.82 9.14
C ALA A 296 -11.33 -7.90 8.86
N THR A 297 -12.46 -7.54 8.26
CA THR A 297 -13.51 -8.53 8.00
C THR A 297 -13.39 -9.21 6.64
N MET A 298 -12.53 -8.70 5.76
CA MET A 298 -12.40 -9.36 4.46
C MET A 298 -11.20 -10.28 4.36
N ARG A 299 -10.11 -9.93 5.01
CA ARG A 299 -8.95 -10.77 4.92
C ARG A 299 -9.29 -12.19 5.40
MG MG B . 12.03 -3.30 -3.42
N1 LX9 C . 10.04 5.90 6.29
N2 LX9 C . 10.85 5.06 5.63
C3 LX9 C . 10.40 3.87 5.62
C4 LX9 C . 9.12 3.96 6.35
C5 LX9 C . 9.02 5.23 6.74
C7 LX9 C . 8.13 2.88 6.72
C8 LX9 C . 6.77 3.12 6.80
C10 LX9 C . 5.89 2.14 7.19
C11 LX9 C . 6.37 0.85 7.54
C12 LX9 C . 7.74 0.61 7.50
C14 LX9 C . 8.60 1.61 7.09
C16 LX9 C . 5.41 -0.22 8.01
N17 LX9 C . 4.15 0.16 8.34
C19 LX9 C . 3.64 1.53 8.26
C22 LX9 C . 4.39 2.43 7.24
O25 LX9 C . 5.79 -1.38 8.16
N26 LX9 C . 10.97 2.84 5.05
C29 LX9 C . 10.23 7.21 6.53
C30 LX9 C . 11.55 7.63 6.74
C32 LX9 C . 11.82 8.98 7.02
C33 LX9 C . 10.75 9.89 7.11
C35 LX9 C . 9.44 9.46 6.89
C37 LX9 C . 9.17 8.12 6.61
C39 LX9 C . 13.22 9.43 7.28
C40 LX9 C . 14.15 8.52 7.78
C42 LX9 C . 15.44 8.99 8.02
N43 LX9 C . 16.51 8.32 8.49
C45 LX9 C . 17.56 9.10 8.57
C47 LX9 C . 17.26 10.35 8.16
C49 LX9 C . 15.80 10.32 7.78
C50 LX9 C . 14.89 11.25 7.28
C52 LX9 C . 13.59 10.78 7.04
#